data_8JM7
#
_entry.id   8JM7
#
_cell.length_a   49.519
_cell.length_b   90.844
_cell.length_c   130.692
_cell.angle_alpha   90.00
_cell.angle_beta   90.00
_cell.angle_gamma   90.00
#
_symmetry.space_group_name_H-M   'P 21 21 21'
#
loop_
_entity.id
_entity.type
_entity.pdbx_description
1 polymer '(R)-mandelonitrile lyase'
2 non-polymer 2,2-dimethyl-4H-1,3-benzodioxine-6-carbaldehyde
3 non-polymer 'FLAVIN-ADENINE DINUCLEOTIDE'
4 non-polymer 2-acetamido-2-deoxy-beta-D-glucopyranose
5 non-polymer DI(HYDROXYETHYL)ETHER
6 non-polymer 'PHOSPHATE ION'
7 water water
#
_entity_poly.entity_id   1
_entity_poly.type   'polypeptide(L)'
_entity_poly.pdbx_seq_one_letter_code
;IDHHHHHHLANTSAHDFSYLKFVYNATDTSLEGSYDYIVIGGGTSGCPLAATLSEKYKVLLLERGTIATEYPNTLTADGF
AYNLQQQDDGKTPVERFVSEDGIDNVRARILGGTTIINAGVYARANISFYSQTGIEWDLDLVNKTYEWVEDAIVVKPNNQ
SWQSVIGEGFLEAGILPDNGFSLDHEAGTRLTGSTFDNNGTRHAADELLNKGDPNNLLVAVQASVEKILFSSNTSNLSAI
GVIYTDSDGNSHQAFVRGNGEVIVSAGTIGTPQLLLLSGVGPESYLSSLNITVVQPNPYVGQFVYDNPRNFINILPPNPI
EASVVTVLGIRSDYYQVSASVLPFSTPLFSLFPTTSYPLPNSTFAHIVSQVPGPLSHGSVTLNSSSDVRIAPNIKFNYYS
NSTDLANCVSGMKKLGDLLRTKALEPYKARDVLGIDGFNYLGVPLPENQTDDASFETFCLDNVASYWHYHGGSLVGKVLD
DSFRVMGIKALRVVDASTFPYEPNSHPQGFYLMLGRYVGLQILQERSIRLEAIHNIQESM
;
_entity_poly.pdbx_strand_id   A
#
loop_
_chem_comp.id
_chem_comp.type
_chem_comp.name
_chem_comp.formula
FAD non-polymer 'FLAVIN-ADENINE DINUCLEOTIDE' 'C27 H33 N9 O15 P2'
FQ3 non-polymer 2,2-dimethyl-4H-1,3-benzodioxine-6-carbaldehyde 'C11 H12 O3'
NAG D-saccharide, beta linking 2-acetamido-2-deoxy-beta-D-glucopyranose 'C8 H15 N O6'
PEG non-polymer DI(HYDROXYETHYL)ETHER 'C4 H10 O3'
PO4 non-polymer 'PHOSPHATE ION' 'O4 P -3'
#
# COMPACT_ATOMS: atom_id res chain seq x y z
N LEU A 9 0.53 -3.01 22.31
CA LEU A 9 0.91 -1.95 21.31
C LEU A 9 2.36 -1.50 21.56
N ALA A 10 2.96 -0.87 20.56
CA ALA A 10 4.30 -0.29 20.65
C ALA A 10 4.31 0.93 21.58
N ASN A 11 5.49 1.26 22.09
CA ASN A 11 5.81 2.54 22.79
C ASN A 11 6.37 3.56 21.79
N THR A 12 6.42 4.83 22.18
CA THR A 12 7.26 5.85 21.54
C THR A 12 8.69 5.36 21.63
N SER A 13 9.42 5.40 20.53
CA SER A 13 10.86 4.99 20.49
C SER A 13 11.45 5.36 19.13
N ALA A 14 12.77 5.45 19.05
CA ALA A 14 13.45 5.81 17.80
C ALA A 14 13.24 4.63 16.83
N HIS A 15 13.29 4.93 15.55
CA HIS A 15 13.19 3.90 14.49
C HIS A 15 14.36 2.95 14.70
N ASP A 16 14.11 1.65 14.74
CA ASP A 16 15.11 0.62 15.08
C ASP A 16 15.77 0.10 13.79
N PHE A 17 16.99 0.57 13.51
CA PHE A 17 17.84 0.13 12.38
C PHE A 17 18.87 -0.94 12.80
N SER A 18 18.61 -1.74 13.85
CA SER A 18 19.57 -2.78 14.28
C SER A 18 19.84 -3.78 13.15
N TYR A 19 18.80 -4.07 12.33
CA TYR A 19 18.83 -5.06 11.23
C TYR A 19 19.88 -4.65 10.18
N LEU A 20 20.35 -3.41 10.16
CA LEU A 20 21.36 -2.96 9.15
C LEU A 20 22.64 -3.80 9.31
N LYS A 21 22.86 -4.43 10.47
CA LYS A 21 24.01 -5.36 10.65
C LYS A 21 23.98 -6.54 9.65
N PHE A 22 22.86 -6.88 9.02
CA PHE A 22 22.78 -7.92 7.98
C PHE A 22 22.19 -7.39 6.67
N VAL A 23 22.37 -6.10 6.41
CA VAL A 23 21.99 -5.46 5.12
C VAL A 23 23.28 -5.15 4.35
N TYR A 24 23.33 -5.62 3.10
CA TYR A 24 24.54 -5.51 2.24
C TYR A 24 24.13 -4.89 0.91
N ASN A 25 25.06 -4.18 0.31
CA ASN A 25 24.97 -3.75 -1.12
C ASN A 25 24.89 -4.99 -2.04
N ALA A 26 23.97 -5.00 -3.02
CA ALA A 26 23.86 -6.09 -4.00
C ALA A 26 25.15 -6.20 -4.84
N THR A 27 26.06 -5.23 -4.77
CA THR A 27 27.37 -5.33 -5.49
C THR A 27 28.23 -6.47 -4.92
N ASP A 28 27.91 -6.98 -3.73
CA ASP A 28 28.67 -8.03 -3.03
C ASP A 28 28.32 -9.41 -3.63
N THR A 29 29.24 -9.97 -4.45
CA THR A 29 29.03 -11.24 -5.17
C THR A 29 28.98 -12.42 -4.18
N SER A 30 29.51 -12.25 -2.97
CA SER A 30 29.49 -13.33 -1.95
C SER A 30 28.04 -13.58 -1.46
N LEU A 31 27.08 -12.68 -1.78
CA LEU A 31 25.63 -12.95 -1.53
C LEU A 31 25.08 -13.99 -2.51
N GLU A 32 25.75 -14.18 -3.65
CA GLU A 32 25.30 -15.13 -4.68
C GLU A 32 25.51 -16.55 -4.17
N GLY A 33 24.59 -17.45 -4.46
CA GLY A 33 24.67 -18.84 -3.97
C GLY A 33 23.29 -19.41 -3.71
N SER A 34 23.24 -20.43 -2.84
CA SER A 34 21.97 -21.10 -2.50
C SER A 34 21.43 -20.73 -1.10
N TYR A 35 20.13 -20.50 -1.05
CA TYR A 35 19.37 -20.18 0.19
C TYR A 35 18.23 -21.18 0.28
N ASP A 36 17.59 -21.25 1.46
CA ASP A 36 16.31 -21.96 1.58
C ASP A 36 15.19 -21.13 0.94
N TYR A 37 15.20 -19.84 1.20
CA TYR A 37 14.14 -18.94 0.66
C TYR A 37 14.78 -17.71 0.06
N ILE A 38 14.20 -17.27 -1.05
CA ILE A 38 14.45 -15.94 -1.65
C ILE A 38 13.13 -15.17 -1.66
N VAL A 39 13.14 -14.02 -1.05
CA VAL A 39 11.95 -13.11 -1.04
C VAL A 39 12.32 -11.87 -1.90
N ILE A 40 11.47 -11.60 -2.90
CA ILE A 40 11.71 -10.49 -3.88
C ILE A 40 10.83 -9.32 -3.45
N GLY A 41 11.47 -8.29 -2.96
CA GLY A 41 10.78 -7.06 -2.52
C GLY A 41 10.73 -6.96 -1.01
N GLY A 42 11.49 -6.04 -0.45
CA GLY A 42 11.57 -5.83 1.01
C GLY A 42 10.51 -4.85 1.44
N GLY A 43 9.26 -5.17 1.18
CA GLY A 43 8.18 -4.22 1.45
C GLY A 43 7.30 -4.65 2.59
N THR A 44 6.04 -4.22 2.51
CA THR A 44 5.02 -4.40 3.55
C THR A 44 4.89 -5.86 3.93
N SER A 45 4.65 -6.74 2.95
CA SER A 45 4.56 -8.19 3.19
C SER A 45 5.97 -8.82 3.22
N GLY A 46 6.86 -8.37 2.34
CA GLY A 46 8.18 -9.00 2.14
C GLY A 46 9.00 -9.04 3.42
N CYS A 47 9.09 -7.91 4.15
CA CYS A 47 9.94 -7.86 5.34
C CYS A 47 9.47 -8.86 6.40
N PRO A 48 8.20 -8.86 6.86
CA PRO A 48 7.79 -9.83 7.89
C PRO A 48 7.84 -11.26 7.39
N LEU A 49 7.63 -11.46 6.10
CA LEU A 49 7.80 -12.81 5.53
C LEU A 49 9.25 -13.28 5.70
N ALA A 50 10.24 -12.50 5.25
CA ALA A 50 11.68 -12.84 5.30
C ALA A 50 12.07 -13.05 6.76
N ALA A 51 11.62 -12.14 7.64
CA ALA A 51 11.93 -12.25 9.10
C ALA A 51 11.42 -13.58 9.66
N THR A 52 10.16 -13.94 9.38
CA THR A 52 9.50 -15.17 9.85
C THR A 52 10.23 -16.40 9.31
N LEU A 53 10.55 -16.41 8.02
CA LEU A 53 11.20 -17.60 7.44
C LEU A 53 12.58 -17.78 8.09
N SER A 54 13.26 -16.71 8.43
CA SER A 54 14.66 -16.69 8.94
C SER A 54 14.74 -17.35 10.33
N GLU A 55 13.59 -17.55 11.00
CA GLU A 55 13.56 -18.21 12.34
C GLU A 55 14.14 -19.62 12.20
N LYS A 56 13.93 -20.29 11.06
CA LYS A 56 14.30 -21.72 10.87
C LYS A 56 15.26 -21.91 9.69
N TYR A 57 15.26 -20.98 8.72
CA TYR A 57 15.87 -21.22 7.38
C TYR A 57 16.74 -20.05 6.93
N LYS A 58 17.62 -20.34 5.96
CA LYS A 58 18.53 -19.35 5.36
C LYS A 58 17.76 -18.57 4.27
N VAL A 59 17.64 -17.28 4.49
CA VAL A 59 16.79 -16.36 3.67
C VAL A 59 17.62 -15.25 3.06
N LEU A 60 17.32 -14.95 1.78
CA LEU A 60 17.86 -13.77 1.08
C LEU A 60 16.65 -12.92 0.69
N LEU A 61 16.63 -11.72 1.23
CA LEU A 61 15.65 -10.68 0.84
C LEU A 61 16.33 -9.71 -0.14
N LEU A 62 15.71 -9.49 -1.32
CA LEU A 62 16.26 -8.63 -2.37
C LEU A 62 15.34 -7.43 -2.50
N GLU A 63 15.86 -6.25 -2.26
CA GLU A 63 15.10 -5.01 -2.41
C GLU A 63 15.77 -4.10 -3.45
N ARG A 64 14.98 -3.55 -4.37
CA ARG A 64 15.55 -2.66 -5.41
C ARG A 64 15.96 -1.30 -4.85
N GLY A 65 15.30 -0.78 -3.83
CA GLY A 65 15.66 0.52 -3.28
C GLY A 65 16.78 0.43 -2.27
N THR A 66 17.15 1.55 -1.72
CA THR A 66 18.22 1.65 -0.70
C THR A 66 17.59 1.60 0.70
N ILE A 67 18.37 1.95 1.72
CA ILE A 67 17.93 1.92 3.14
C ILE A 67 17.38 3.31 3.48
N ALA A 68 16.40 3.36 4.38
CA ALA A 68 15.62 4.56 4.73
C ALA A 68 16.49 5.66 5.33
N THR A 69 17.64 5.31 5.91
CA THR A 69 18.53 6.32 6.54
C THR A 69 19.08 7.26 5.45
N GLU A 70 19.07 6.84 4.21
CA GLU A 70 19.51 7.68 3.06
C GLU A 70 18.54 8.83 2.82
N TYR A 71 17.31 8.70 3.31
CA TYR A 71 16.21 9.64 3.03
C TYR A 71 15.47 9.91 4.34
N PRO A 72 16.09 10.75 5.20
CA PRO A 72 15.60 10.95 6.57
C PRO A 72 14.15 11.44 6.66
N ASN A 73 13.64 12.13 5.66
CA ASN A 73 12.24 12.65 5.63
C ASN A 73 11.26 11.45 5.56
N THR A 74 11.72 10.24 5.30
CA THR A 74 10.88 9.02 5.42
C THR A 74 10.64 8.66 6.88
N LEU A 75 11.34 9.25 7.87
CA LEU A 75 11.32 8.66 9.23
C LEU A 75 10.45 9.46 10.20
N THR A 76 9.77 10.50 9.74
CA THR A 76 8.91 11.33 10.61
C THR A 76 7.58 11.65 9.92
N ALA A 77 6.53 11.87 10.71
CA ALA A 77 5.24 12.36 10.20
C ALA A 77 5.48 13.66 9.44
N ASP A 78 6.29 14.59 9.94
CA ASP A 78 6.32 15.90 9.27
C ASP A 78 7.12 15.81 7.98
N GLY A 79 7.82 14.68 7.72
CA GLY A 79 8.53 14.45 6.46
C GLY A 79 7.64 13.93 5.34
N PHE A 80 6.43 13.51 5.63
CA PHE A 80 5.55 12.83 4.63
C PHE A 80 5.49 13.66 3.34
N ALA A 81 5.25 14.96 3.43
CA ALA A 81 5.01 15.83 2.26
C ALA A 81 6.28 15.88 1.40
N TYR A 82 7.42 15.94 2.06
CA TYR A 82 8.75 16.09 1.44
C TYR A 82 8.99 14.97 0.42
N ASN A 83 8.65 13.74 0.80
CA ASN A 83 8.93 12.56 -0.06
C ASN A 83 8.05 12.63 -1.30
N LEU A 84 6.81 13.19 -1.21
CA LEU A 84 5.92 13.33 -2.39
C LEU A 84 6.31 14.57 -3.23
N GLN A 85 6.98 15.55 -2.62
CA GLN A 85 7.39 16.79 -3.31
C GLN A 85 8.69 16.60 -4.08
N GLN A 86 9.51 15.67 -3.61
CA GLN A 86 10.86 15.37 -4.15
C GLN A 86 10.73 14.79 -5.55
N GLN A 87 11.52 15.32 -6.46
CA GLN A 87 11.58 14.83 -7.84
C GLN A 87 12.11 13.40 -7.82
N ASP A 88 11.57 12.59 -8.71
CA ASP A 88 11.92 11.17 -8.88
C ASP A 88 13.15 11.12 -9.78
N ASP A 89 14.29 10.82 -9.19
CA ASP A 89 15.58 10.71 -9.91
C ASP A 89 15.96 9.25 -10.16
N GLY A 90 15.05 8.31 -9.91
CA GLY A 90 15.31 6.85 -10.04
C GLY A 90 15.84 6.18 -8.77
N LYS A 91 16.23 6.92 -7.73
CA LYS A 91 16.89 6.44 -6.50
C LYS A 91 16.04 6.78 -5.29
N THR A 92 15.13 7.73 -5.44
CA THR A 92 14.32 8.26 -4.32
C THR A 92 13.35 7.20 -3.83
N PRO A 93 12.87 7.32 -2.58
CA PRO A 93 11.96 6.35 -1.97
C PRO A 93 10.55 6.36 -2.59
N VAL A 94 10.20 7.47 -3.22
CA VAL A 94 8.91 7.63 -3.96
C VAL A 94 9.21 7.50 -5.44
N GLU A 95 8.65 6.47 -6.06
CA GLU A 95 8.64 6.36 -7.55
C GLU A 95 7.31 6.92 -8.06
N ARG A 96 7.37 7.93 -8.94
CA ARG A 96 6.19 8.59 -9.51
C ARG A 96 5.72 7.81 -10.73
N PHE A 97 4.43 7.68 -10.92
CA PHE A 97 3.89 7.15 -12.19
C PHE A 97 2.56 7.82 -12.51
N VAL A 98 2.09 7.64 -13.75
CA VAL A 98 0.75 8.14 -14.17
C VAL A 98 0.02 6.95 -14.79
N SER A 99 -1.17 6.62 -14.30
CA SER A 99 -1.95 5.51 -14.85
C SER A 99 -2.37 5.92 -16.26
N GLU A 100 -2.73 4.96 -17.10
N GLU A 100 -2.73 4.96 -17.10
CA GLU A 100 -3.18 5.27 -18.49
CA GLU A 100 -3.20 5.26 -18.48
C GLU A 100 -4.53 6.00 -18.43
C GLU A 100 -4.51 6.07 -18.40
N ASP A 101 -5.19 6.04 -17.26
CA ASP A 101 -6.39 6.86 -16.99
C ASP A 101 -6.02 8.33 -16.88
N GLY A 102 -4.74 8.68 -16.75
CA GLY A 102 -4.28 10.07 -16.57
C GLY A 102 -4.18 10.49 -15.13
N ILE A 103 -4.16 9.55 -14.18
CA ILE A 103 -4.22 9.90 -12.73
C ILE A 103 -2.83 9.66 -12.14
N ASP A 104 -2.22 10.71 -11.63
CA ASP A 104 -0.88 10.66 -10.98
C ASP A 104 -0.91 9.72 -9.77
N ASN A 105 0.22 9.07 -9.52
CA ASN A 105 0.27 8.05 -8.49
C ASN A 105 1.72 7.83 -8.09
N VAL A 106 1.91 7.05 -7.03
CA VAL A 106 3.28 6.76 -6.53
C VAL A 106 3.31 5.35 -5.95
N ARG A 107 4.51 4.79 -5.97
CA ARG A 107 4.83 3.51 -5.31
C ARG A 107 6.17 3.66 -4.62
N ALA A 108 6.46 2.80 -3.67
CA ALA A 108 7.71 2.92 -2.88
C ALA A 108 8.88 2.23 -3.60
N ARG A 109 10.07 2.69 -3.29
CA ARG A 109 11.34 2.13 -3.82
C ARG A 109 12.38 2.27 -2.70
N ILE A 110 12.27 1.43 -1.66
CA ILE A 110 13.01 1.62 -0.40
C ILE A 110 12.81 0.36 0.42
N LEU A 111 13.79 0.02 1.26
CA LEU A 111 13.72 -1.12 2.18
C LEU A 111 12.70 -0.78 3.29
N GLY A 112 11.62 -1.55 3.33
CA GLY A 112 10.38 -1.29 4.10
C GLY A 112 9.20 -1.00 3.21
N GLY A 113 9.46 -0.77 1.94
CA GLY A 113 8.40 -0.58 0.96
C GLY A 113 7.49 0.58 1.30
N THR A 114 6.21 0.37 1.04
CA THR A 114 5.25 1.50 1.07
C THR A 114 4.99 1.91 2.53
N THR A 115 5.32 1.07 3.53
CA THR A 115 5.23 1.46 4.97
C THR A 115 6.21 2.61 5.32
N ILE A 116 7.21 2.88 4.48
CA ILE A 116 8.22 3.94 4.74
C ILE A 116 7.74 5.28 4.17
N ILE A 117 6.74 5.31 3.29
CA ILE A 117 6.28 6.57 2.63
C ILE A 117 4.80 6.85 2.90
N ASN A 118 4.09 6.00 3.64
CA ASN A 118 2.63 6.07 3.62
C ASN A 118 2.09 7.03 4.69
N ALA A 119 0.78 7.04 4.86
CA ALA A 119 0.15 8.01 5.78
C ALA A 119 -0.04 7.42 7.18
N GLY A 120 0.51 6.23 7.46
CA GLY A 120 0.62 5.58 8.79
C GLY A 120 -0.65 4.99 9.38
N VAL A 121 -1.78 5.07 8.69
CA VAL A 121 -3.05 4.62 9.33
C VAL A 121 -2.97 3.10 9.46
N TYR A 122 -3.26 2.60 10.67
CA TYR A 122 -3.24 1.16 10.94
C TYR A 122 -4.64 0.67 11.31
N ALA A 123 -5.05 -0.39 10.62
CA ALA A 123 -6.32 -1.09 10.91
C ALA A 123 -6.15 -2.58 10.62
N ARG A 124 -6.91 -3.40 11.33
CA ARG A 124 -7.09 -4.83 10.99
C ARG A 124 -8.13 -5.00 9.92
N ALA A 125 -8.12 -6.12 9.21
CA ALA A 125 -9.10 -6.43 8.16
C ALA A 125 -10.47 -6.55 8.80
N ASN A 126 -11.46 -6.10 8.05
CA ASN A 126 -12.89 -6.40 8.30
C ASN A 126 -12.96 -7.89 8.67
N ILE A 127 -13.46 -8.23 9.84
CA ILE A 127 -13.51 -9.67 10.26
C ILE A 127 -14.36 -10.54 9.33
N SER A 128 -15.25 -9.98 8.50
CA SER A 128 -16.01 -10.76 7.48
C SER A 128 -15.13 -11.13 6.27
N PHE A 129 -13.97 -10.48 6.12
CA PHE A 129 -13.13 -10.65 4.90
C PHE A 129 -12.70 -12.11 4.70
N TYR A 130 -12.28 -12.76 5.80
CA TYR A 130 -11.70 -14.11 5.76
C TYR A 130 -12.70 -15.10 5.14
N SER A 131 -13.94 -15.07 5.61
CA SER A 131 -14.97 -16.01 5.13
C SER A 131 -15.39 -15.60 3.71
N GLN A 132 -15.38 -14.32 3.35
CA GLN A 132 -15.63 -13.89 1.96
C GLN A 132 -14.60 -14.49 1.00
N THR A 133 -13.34 -14.64 1.40
CA THR A 133 -12.29 -15.14 0.48
C THR A 133 -12.52 -16.64 0.18
N GLY A 134 -13.11 -17.39 1.11
CA GLY A 134 -13.21 -18.86 1.03
C GLY A 134 -11.88 -19.55 1.28
N ILE A 135 -10.82 -18.87 1.66
CA ILE A 135 -9.52 -19.49 2.08
C ILE A 135 -9.75 -20.07 3.47
N GLU A 136 -9.14 -21.23 3.77
CA GLU A 136 -9.22 -21.82 5.14
C GLU A 136 -8.16 -21.17 6.01
N TRP A 137 -8.47 -19.97 6.48
CA TRP A 137 -7.55 -19.24 7.40
C TRP A 137 -7.54 -19.91 8.76
N ASP A 138 -6.36 -19.95 9.38
CA ASP A 138 -6.21 -20.19 10.83
C ASP A 138 -6.44 -18.86 11.54
N LEU A 139 -7.69 -18.59 11.96
CA LEU A 139 -8.10 -17.25 12.45
C LEU A 139 -7.40 -16.91 13.76
N ASP A 140 -7.19 -17.91 14.65
CA ASP A 140 -6.42 -17.65 15.90
C ASP A 140 -5.03 -17.12 15.51
N LEU A 141 -4.38 -17.76 14.55
CA LEU A 141 -2.99 -17.39 14.18
C LEU A 141 -2.99 -16.00 13.53
N VAL A 142 -3.98 -15.71 12.69
CA VAL A 142 -4.14 -14.35 12.07
C VAL A 142 -4.10 -13.33 13.21
N ASN A 143 -4.86 -13.60 14.27
CA ASN A 143 -4.97 -12.62 15.37
C ASN A 143 -3.66 -12.56 16.17
N LYS A 144 -2.99 -13.69 16.41
CA LYS A 144 -1.66 -13.69 17.06
C LYS A 144 -0.65 -12.87 16.21
N THR A 145 -0.82 -12.92 14.90
CA THR A 145 0.14 -12.28 13.96
C THR A 145 -0.12 -10.78 13.94
N TYR A 146 -1.39 -10.35 13.98
CA TYR A 146 -1.70 -8.91 14.16
C TYR A 146 -1.00 -8.36 15.43
N GLU A 147 -1.07 -9.11 16.55
CA GLU A 147 -0.49 -8.63 17.84
C GLU A 147 1.03 -8.58 17.70
N TRP A 148 1.62 -9.50 16.94
CA TRP A 148 3.09 -9.50 16.73
C TRP A 148 3.48 -8.21 15.99
N VAL A 149 2.73 -7.85 14.95
CA VAL A 149 2.99 -6.57 14.23
C VAL A 149 2.74 -5.39 15.18
N GLU A 150 1.61 -5.37 15.84
CA GLU A 150 1.13 -4.17 16.58
C GLU A 150 2.04 -3.88 17.77
N ASP A 151 2.51 -4.92 18.46
CA ASP A 151 3.48 -4.79 19.59
C ASP A 151 4.79 -4.18 19.08
N ALA A 152 5.17 -4.39 17.82
CA ALA A 152 6.39 -3.81 17.25
C ALA A 152 6.24 -2.36 16.81
N ILE A 153 5.16 -2.00 16.08
CA ILE A 153 5.20 -0.74 15.28
C ILE A 153 3.91 0.08 15.35
N VAL A 154 2.90 -0.34 16.09
CA VAL A 154 1.60 0.41 16.16
C VAL A 154 1.37 1.05 17.53
N VAL A 155 0.95 2.31 17.55
CA VAL A 155 0.58 3.00 18.82
C VAL A 155 -0.89 3.40 18.79
N LYS A 156 -1.40 3.66 20.00
CA LYS A 156 -2.64 4.43 20.20
C LYS A 156 -2.29 5.91 20.04
N PRO A 157 -2.80 6.62 19.01
CA PRO A 157 -2.42 8.00 18.76
C PRO A 157 -2.87 8.92 19.93
N ASN A 158 -2.13 9.98 20.19
CA ASN A 158 -2.63 11.03 21.09
C ASN A 158 -3.75 11.80 20.38
N ASN A 159 -4.55 12.55 21.15
CA ASN A 159 -5.62 13.40 20.58
C ASN A 159 -4.96 14.46 19.72
N GLN A 160 -5.59 14.75 18.59
CA GLN A 160 -5.20 15.84 17.69
C GLN A 160 -6.46 16.64 17.43
N SER A 161 -6.40 17.96 17.58
CA SER A 161 -7.64 18.80 17.57
C SER A 161 -8.42 18.59 16.26
N TRP A 162 -7.79 18.59 15.09
CA TRP A 162 -8.54 18.42 13.81
C TRP A 162 -9.18 17.04 13.72
N GLN A 163 -8.48 15.98 14.12
CA GLN A 163 -9.06 14.62 14.06
C GLN A 163 -10.29 14.56 14.99
N SER A 164 -10.20 15.19 16.15
CA SER A 164 -11.34 15.22 17.10
C SER A 164 -12.54 15.96 16.49
N VAL A 165 -12.30 17.07 15.78
CA VAL A 165 -13.37 17.84 15.08
C VAL A 165 -14.03 16.88 14.09
N ILE A 166 -13.20 16.25 13.27
CA ILE A 166 -13.74 15.42 12.19
C ILE A 166 -14.55 14.27 12.79
N GLY A 167 -14.08 13.66 13.87
CA GLY A 167 -14.75 12.53 14.51
C GLY A 167 -16.12 12.95 15.05
N GLU A 168 -16.18 14.12 15.68
CA GLU A 168 -17.46 14.71 16.18
C GLU A 168 -18.40 14.94 14.99
N GLY A 169 -17.86 15.44 13.90
CA GLY A 169 -18.55 15.68 12.65
C GLY A 169 -19.13 14.40 12.04
N PHE A 170 -18.31 13.37 11.85
CA PHE A 170 -18.81 12.06 11.38
C PHE A 170 -19.99 11.57 12.23
N LEU A 171 -19.87 11.62 13.55
CA LEU A 171 -20.91 11.14 14.51
C LEU A 171 -22.18 12.01 14.32
N GLU A 172 -22.00 13.32 14.24
CA GLU A 172 -23.14 14.26 14.03
C GLU A 172 -23.78 14.00 12.67
N ALA A 173 -23.01 13.59 11.67
CA ALA A 173 -23.49 13.34 10.29
C ALA A 173 -24.15 11.96 10.18
N GLY A 174 -24.12 11.16 11.23
CA GLY A 174 -24.84 9.89 11.35
C GLY A 174 -23.96 8.67 11.09
N ILE A 175 -22.63 8.84 11.11
CA ILE A 175 -21.71 7.69 10.92
C ILE A 175 -21.54 7.05 12.29
N LEU A 176 -22.49 6.19 12.64
CA LEU A 176 -22.64 5.65 14.00
C LEU A 176 -22.37 4.15 13.95
N PRO A 177 -22.01 3.50 15.07
CA PRO A 177 -21.87 4.13 16.37
C PRO A 177 -20.51 4.78 16.63
N ASP A 178 -20.32 5.36 17.81
CA ASP A 178 -19.01 5.79 18.31
C ASP A 178 -18.26 4.54 18.78
N ASN A 179 -17.20 4.14 18.09
CA ASN A 179 -16.43 2.94 18.48
C ASN A 179 -15.25 3.30 19.38
N GLY A 180 -15.10 4.57 19.74
CA GLY A 180 -13.95 5.00 20.58
C GLY A 180 -12.63 4.63 19.90
N PHE A 181 -11.65 4.09 20.65
CA PHE A 181 -10.35 3.67 20.09
C PHE A 181 -10.46 2.18 19.79
N SER A 182 -10.26 1.84 18.52
CA SER A 182 -10.36 0.44 18.06
C SER A 182 -9.50 0.26 16.81
N LEU A 183 -8.84 -0.88 16.68
CA LEU A 183 -8.09 -1.22 15.44
C LEU A 183 -9.00 -1.87 14.41
N ASP A 184 -10.27 -2.16 14.75
CA ASP A 184 -11.12 -2.99 13.87
C ASP A 184 -11.83 -2.14 12.83
N HIS A 185 -11.85 -2.62 11.59
CA HIS A 185 -12.67 -2.05 10.50
C HIS A 185 -14.13 -2.43 10.77
N GLU A 186 -14.88 -1.50 11.33
CA GLU A 186 -16.31 -1.68 11.65
C GLU A 186 -17.09 -0.42 11.32
N ALA A 187 -18.35 -0.58 10.99
CA ALA A 187 -19.24 0.56 10.75
C ALA A 187 -19.15 1.50 11.95
N GLY A 188 -19.06 2.79 11.70
CA GLY A 188 -19.06 3.84 12.72
C GLY A 188 -17.78 4.63 12.75
N THR A 189 -17.61 5.43 13.78
CA THR A 189 -16.54 6.44 13.91
C THR A 189 -15.61 5.95 14.98
N ARG A 190 -14.31 6.02 14.70
CA ARG A 190 -13.33 5.53 15.68
C ARG A 190 -12.01 6.27 15.53
N LEU A 191 -11.22 6.23 16.60
CA LEU A 191 -9.78 6.49 16.56
C LEU A 191 -9.13 5.14 16.24
N THR A 192 -8.28 5.04 15.21
CA THR A 192 -7.62 3.76 14.92
C THR A 192 -6.15 3.89 15.31
N GLY A 193 -5.36 2.87 15.05
CA GLY A 193 -3.92 2.92 15.36
C GLY A 193 -3.13 3.69 14.33
N SER A 194 -1.86 3.93 14.60
CA SER A 194 -0.97 4.61 13.65
C SER A 194 0.41 3.96 13.71
N THR A 195 1.11 3.91 12.59
CA THR A 195 2.53 3.49 12.54
C THR A 195 3.42 4.70 12.72
N PHE A 196 2.88 5.89 12.90
CA PHE A 196 3.66 7.03 13.47
C PHE A 196 3.50 6.96 14.98
N ASP A 197 4.57 7.12 15.75
CA ASP A 197 4.41 7.08 17.22
C ASP A 197 4.01 8.47 17.72
N ASN A 198 3.82 8.61 19.03
CA ASN A 198 3.28 9.86 19.61
C ASN A 198 4.30 10.99 19.55
N ASN A 199 5.54 10.68 19.21
CA ASN A 199 6.62 11.67 19.00
C ASN A 199 6.74 12.00 17.51
N GLY A 200 5.91 11.41 16.65
CA GLY A 200 5.94 11.64 15.19
C GLY A 200 7.02 10.80 14.51
N THR A 201 7.65 9.86 15.19
CA THR A 201 8.65 8.92 14.58
C THR A 201 7.87 7.87 13.74
N ARG A 202 8.25 7.70 12.49
CA ARG A 202 7.65 6.62 11.67
C ARG A 202 8.22 5.25 12.08
N HIS A 203 7.35 4.28 12.30
CA HIS A 203 7.71 2.87 12.42
C HIS A 203 7.19 2.15 11.17
N ALA A 204 7.86 1.09 10.78
CA ALA A 204 7.59 0.53 9.44
C ALA A 204 8.01 -0.93 9.36
N ALA A 205 7.76 -1.52 8.19
CA ALA A 205 7.88 -2.97 7.96
C ALA A 205 9.36 -3.34 8.08
N ASP A 206 10.29 -2.42 7.77
CA ASP A 206 11.74 -2.71 7.87
C ASP A 206 12.09 -3.08 9.33
N GLU A 207 11.42 -2.49 10.31
CA GLU A 207 11.70 -2.80 11.75
C GLU A 207 11.31 -4.24 12.07
N LEU A 208 10.41 -4.87 11.31
CA LEU A 208 10.06 -6.28 11.50
C LEU A 208 11.23 -7.20 11.12
N LEU A 209 12.22 -6.71 10.37
CA LEU A 209 13.48 -7.47 10.11
C LEU A 209 14.21 -7.68 11.44
N ASN A 210 13.99 -6.84 12.45
CA ASN A 210 14.64 -6.98 13.78
C ASN A 210 14.14 -8.24 14.47
N LYS A 211 13.01 -8.80 14.02
CA LYS A 211 12.45 -10.08 14.55
C LYS A 211 13.09 -11.28 13.85
N GLY A 212 13.89 -11.07 12.80
CA GLY A 212 14.56 -12.15 12.10
C GLY A 212 15.74 -12.67 12.90
N ASP A 213 16.22 -13.84 12.54
CA ASP A 213 17.42 -14.45 13.14
C ASP A 213 18.61 -13.90 12.39
N PRO A 214 19.50 -13.08 13.03
CA PRO A 214 20.59 -12.42 12.34
C PRO A 214 21.63 -13.40 11.78
N ASN A 215 21.57 -14.67 12.17
CA ASN A 215 22.48 -15.71 11.65
C ASN A 215 21.87 -16.32 10.39
N ASN A 216 20.58 -16.07 10.12
CA ASN A 216 19.92 -16.75 8.99
C ASN A 216 19.42 -15.77 7.92
N LEU A 217 19.25 -14.49 8.24
CA LEU A 217 18.65 -13.51 7.28
C LEU A 217 19.76 -12.65 6.68
N LEU A 218 19.78 -12.53 5.34
CA LEU A 218 20.63 -11.55 4.64
C LEU A 218 19.71 -10.71 3.77
N VAL A 219 19.99 -9.43 3.71
CA VAL A 219 19.21 -8.46 2.90
C VAL A 219 20.18 -7.82 1.94
N ALA A 220 19.86 -7.84 0.66
CA ALA A 220 20.60 -7.10 -0.37
C ALA A 220 19.74 -5.90 -0.80
N VAL A 221 20.29 -4.71 -0.72
CA VAL A 221 19.60 -3.47 -1.16
C VAL A 221 20.21 -2.99 -2.48
N GLN A 222 19.49 -2.14 -3.18
CA GLN A 222 19.79 -1.81 -4.59
C GLN A 222 20.01 -3.11 -5.36
N ALA A 223 19.11 -4.05 -5.15
CA ALA A 223 19.07 -5.34 -5.86
C ALA A 223 17.82 -5.36 -6.71
N SER A 224 17.99 -5.14 -8.02
CA SER A 224 16.86 -5.07 -8.95
C SER A 224 16.67 -6.46 -9.57
N VAL A 225 15.64 -7.19 -9.12
CA VAL A 225 15.36 -8.58 -9.55
C VAL A 225 14.70 -8.52 -10.94
N GLU A 226 15.36 -9.10 -11.94
CA GLU A 226 15.05 -8.93 -13.38
C GLU A 226 14.31 -10.17 -13.90
N LYS A 227 14.56 -11.34 -13.32
CA LYS A 227 13.99 -12.61 -13.83
C LYS A 227 13.92 -13.63 -12.71
N ILE A 228 12.84 -14.41 -12.70
CA ILE A 228 12.74 -15.69 -11.96
C ILE A 228 13.33 -16.77 -12.86
N LEU A 229 14.27 -17.54 -12.31
CA LEU A 229 14.86 -18.71 -13.02
C LEU A 229 14.06 -19.97 -12.72
N PHE A 230 13.88 -20.83 -13.72
CA PHE A 230 13.09 -22.09 -13.58
C PHE A 230 13.96 -23.30 -13.95
N SER A 231 13.55 -24.47 -13.45
CA SER A 231 14.15 -25.81 -13.67
C SER A 231 14.09 -26.16 -15.17
N ASN A 236 8.38 -31.25 -14.45
CA ASN A 236 7.96 -30.75 -13.10
C ASN A 236 8.55 -29.36 -12.91
N LEU A 237 7.80 -28.37 -13.34
CA LEU A 237 8.32 -26.99 -13.48
C LEU A 237 8.45 -26.43 -12.07
N SER A 238 9.64 -25.96 -11.72
CA SER A 238 9.98 -25.37 -10.41
C SER A 238 10.69 -24.03 -10.62
N ALA A 239 10.40 -23.08 -9.75
CA ALA A 239 11.29 -21.92 -9.61
C ALA A 239 12.55 -22.40 -8.92
N ILE A 240 13.70 -21.97 -9.36
CA ILE A 240 15.01 -22.34 -8.73
C ILE A 240 15.77 -21.12 -8.25
N GLY A 241 15.48 -19.93 -8.77
CA GLY A 241 16.27 -18.77 -8.34
C GLY A 241 15.86 -17.52 -9.07
N VAL A 242 16.76 -16.56 -9.04
CA VAL A 242 16.58 -15.21 -9.65
C VAL A 242 17.86 -14.71 -10.29
N ILE A 243 17.71 -13.79 -11.25
CA ILE A 243 18.78 -12.87 -11.68
C ILE A 243 18.46 -11.48 -11.14
N TYR A 244 19.44 -10.80 -10.58
CA TYR A 244 19.31 -9.42 -10.10
C TYR A 244 20.54 -8.63 -10.49
N THR A 245 20.31 -7.34 -10.76
CA THR A 245 21.40 -6.41 -11.08
C THR A 245 21.58 -5.48 -9.89
N ASP A 246 22.79 -5.00 -9.74
CA ASP A 246 23.20 -4.06 -8.68
C ASP A 246 23.24 -2.63 -9.23
N SER A 247 23.60 -1.67 -8.40
CA SER A 247 23.53 -0.22 -8.71
C SER A 247 24.54 0.16 -9.79
N ASP A 248 25.57 -0.67 -9.99
CA ASP A 248 26.57 -0.46 -11.07
C ASP A 248 26.13 -1.12 -12.39
N GLY A 249 25.05 -1.88 -12.38
CA GLY A 249 24.51 -2.58 -13.55
C GLY A 249 25.02 -4.01 -13.73
N ASN A 250 25.88 -4.50 -12.84
CA ASN A 250 26.35 -5.91 -12.93
C ASN A 250 25.26 -6.88 -12.44
N SER A 251 25.28 -8.08 -13.01
CA SER A 251 24.26 -9.12 -12.84
C SER A 251 24.77 -10.11 -11.79
N HIS A 252 23.82 -10.73 -11.14
CA HIS A 252 24.06 -11.64 -10.00
C HIS A 252 23.00 -12.72 -10.03
N GLN A 253 23.33 -13.90 -9.50
CA GLN A 253 22.31 -14.95 -9.44
C GLN A 253 22.27 -15.45 -7.99
N ALA A 254 21.06 -15.83 -7.55
CA ALA A 254 20.86 -16.57 -6.28
C ALA A 254 19.83 -17.65 -6.49
N PHE A 255 19.95 -18.75 -5.73
CA PHE A 255 19.15 -19.96 -5.97
C PHE A 255 18.52 -20.41 -4.65
N VAL A 256 17.42 -21.12 -4.77
CA VAL A 256 16.86 -21.89 -3.62
C VAL A 256 17.34 -23.33 -3.73
N ARG A 257 17.23 -24.06 -2.64
CA ARG A 257 17.76 -25.46 -2.57
C ARG A 257 16.69 -26.31 -1.93
N GLY A 258 16.76 -27.61 -2.20
CA GLY A 258 15.92 -28.62 -1.54
C GLY A 258 14.45 -28.25 -1.58
N ASN A 259 13.82 -28.13 -0.41
CA ASN A 259 12.35 -27.94 -0.37
C ASN A 259 12.05 -26.44 -0.22
N GLY A 260 13.02 -25.59 -0.55
CA GLY A 260 12.92 -24.13 -0.44
C GLY A 260 12.07 -23.49 -1.54
N GLU A 261 11.85 -22.18 -1.42
CA GLU A 261 10.89 -21.49 -2.34
C GLU A 261 11.31 -20.05 -2.60
N VAL A 262 10.92 -19.56 -3.78
CA VAL A 262 11.01 -18.13 -4.18
C VAL A 262 9.63 -17.53 -3.89
N ILE A 263 9.62 -16.43 -3.15
CA ILE A 263 8.36 -15.67 -2.93
C ILE A 263 8.52 -14.28 -3.54
N VAL A 264 7.54 -13.92 -4.36
CA VAL A 264 7.45 -12.57 -4.98
C VAL A 264 6.55 -11.71 -4.10
N SER A 265 7.11 -10.62 -3.60
CA SER A 265 6.53 -9.62 -2.68
C SER A 265 6.82 -8.21 -3.23
N ALA A 266 6.79 -8.07 -4.56
CA ALA A 266 7.24 -6.84 -5.26
C ALA A 266 6.08 -5.84 -5.44
N GLY A 267 4.90 -6.17 -4.93
CA GLY A 267 3.75 -5.25 -4.92
C GLY A 267 2.81 -5.44 -6.12
N THR A 268 1.69 -4.74 -6.09
CA THR A 268 0.68 -4.77 -7.16
C THR A 268 1.38 -4.52 -8.50
N ILE A 269 2.31 -3.58 -8.56
CA ILE A 269 2.97 -3.25 -9.86
C ILE A 269 4.14 -4.20 -10.12
N GLY A 270 5.00 -4.41 -9.11
CA GLY A 270 6.25 -5.17 -9.34
C GLY A 270 6.03 -6.66 -9.56
N THR A 271 5.08 -7.25 -8.87
CA THR A 271 4.87 -8.71 -8.93
C THR A 271 4.46 -9.09 -10.35
N PRO A 272 3.37 -8.53 -10.90
CA PRO A 272 2.95 -8.96 -12.21
C PRO A 272 4.03 -8.66 -13.25
N GLN A 273 4.69 -7.54 -13.10
CA GLN A 273 5.79 -7.16 -14.02
C GLN A 273 6.84 -8.29 -14.05
N LEU A 274 7.30 -8.76 -12.89
CA LEU A 274 8.37 -9.75 -12.87
C LEU A 274 7.84 -11.09 -13.39
N LEU A 275 6.61 -11.45 -13.06
CA LEU A 275 6.02 -12.70 -13.59
C LEU A 275 6.01 -12.65 -15.12
N LEU A 276 5.52 -11.55 -15.68
CA LEU A 276 5.46 -11.39 -17.16
C LEU A 276 6.88 -11.46 -17.74
N LEU A 277 7.83 -10.72 -17.22
CA LEU A 277 9.25 -10.74 -17.70
C LEU A 277 9.81 -12.15 -17.60
N SER A 278 9.30 -13.00 -16.67
CA SER A 278 9.82 -14.36 -16.44
C SER A 278 9.10 -15.42 -17.27
N GLY A 279 8.13 -15.02 -18.10
CA GLY A 279 7.36 -15.93 -18.96
C GLY A 279 6.18 -16.59 -18.28
N VAL A 280 5.67 -15.99 -17.21
CA VAL A 280 4.47 -16.48 -16.50
C VAL A 280 3.35 -15.49 -16.79
N GLY A 281 2.34 -15.88 -17.57
CA GLY A 281 1.34 -14.88 -17.99
C GLY A 281 0.60 -15.34 -19.23
N PRO A 282 -0.22 -14.45 -19.81
CA PRO A 282 -1.10 -14.84 -20.91
C PRO A 282 -0.26 -15.24 -22.13
N GLU A 283 -0.56 -16.41 -22.69
CA GLU A 283 0.24 -17.03 -23.77
C GLU A 283 0.27 -16.12 -24.99
N SER A 284 -0.86 -15.61 -25.43
CA SER A 284 -0.92 -14.81 -26.67
C SER A 284 -0.13 -13.51 -26.46
N TYR A 285 -0.26 -12.90 -25.29
CA TYR A 285 0.43 -11.64 -24.91
C TYR A 285 1.94 -11.86 -24.92
N LEU A 286 2.42 -12.86 -24.16
CA LEU A 286 3.86 -13.12 -24.06
C LEU A 286 4.41 -13.49 -25.43
N SER A 287 3.69 -14.34 -26.18
CA SER A 287 4.12 -14.79 -27.52
C SER A 287 4.23 -13.56 -28.44
N SER A 288 3.30 -12.63 -28.32
CA SER A 288 3.26 -11.34 -29.10
C SER A 288 4.52 -10.51 -28.80
N LEU A 289 5.16 -10.62 -27.62
CA LEU A 289 6.41 -9.88 -27.28
C LEU A 289 7.66 -10.76 -27.52
N ASN A 290 7.49 -11.98 -28.00
CA ASN A 290 8.57 -12.99 -28.17
C ASN A 290 9.22 -13.30 -26.84
N ILE A 291 8.43 -13.26 -25.75
CA ILE A 291 8.89 -13.76 -24.42
C ILE A 291 8.50 -15.24 -24.38
N THR A 292 9.46 -16.13 -24.18
CA THR A 292 9.20 -17.59 -24.12
C THR A 292 8.28 -17.86 -22.92
N VAL A 293 7.22 -18.59 -23.16
CA VAL A 293 6.21 -18.89 -22.14
C VAL A 293 6.75 -20.06 -21.31
N VAL A 294 6.87 -19.86 -20.02
CA VAL A 294 7.25 -20.89 -19.02
C VAL A 294 5.97 -21.50 -18.48
N GLN A 295 4.98 -20.65 -18.17
CA GLN A 295 3.69 -21.08 -17.57
C GLN A 295 2.58 -20.15 -18.04
N PRO A 296 1.73 -20.64 -18.95
CA PRO A 296 0.61 -19.86 -19.44
C PRO A 296 -0.42 -19.68 -18.32
N ASN A 297 -0.83 -18.43 -18.14
CA ASN A 297 -1.90 -18.08 -17.18
C ASN A 297 -2.49 -16.78 -17.67
N PRO A 298 -3.79 -16.78 -18.03
CA PRO A 298 -4.38 -15.62 -18.67
C PRO A 298 -4.58 -14.43 -17.75
N TYR A 299 -4.27 -14.56 -16.46
CA TYR A 299 -4.70 -13.56 -15.45
C TYR A 299 -3.53 -12.83 -14.82
N VAL A 300 -2.30 -13.10 -15.22
CA VAL A 300 -1.14 -12.36 -14.66
C VAL A 300 -1.21 -10.92 -15.18
N GLY A 301 -1.28 -9.95 -14.28
CA GLY A 301 -1.44 -8.54 -14.67
C GLY A 301 -2.88 -8.18 -14.98
N GLN A 302 -3.83 -9.07 -14.80
CA GLN A 302 -5.27 -8.78 -14.96
C GLN A 302 -5.89 -8.58 -13.58
N PHE A 303 -7.03 -7.91 -13.52
CA PHE A 303 -7.74 -7.63 -12.26
C PHE A 303 -6.86 -6.81 -11.33
N VAL A 304 -6.46 -5.67 -11.87
CA VAL A 304 -5.70 -4.64 -11.11
C VAL A 304 -6.68 -3.52 -10.75
N TYR A 305 -6.69 -3.14 -9.48
CA TYR A 305 -7.72 -2.24 -8.93
C TYR A 305 -7.10 -1.03 -8.24
N ASP A 306 -7.78 0.12 -8.30
CA ASP A 306 -7.37 1.29 -7.49
C ASP A 306 -8.62 1.93 -6.92
N ASN A 307 -8.79 1.82 -5.62
CA ASN A 307 -9.99 2.41 -4.97
C ASN A 307 -9.93 3.90 -5.20
N PRO A 308 -11.00 4.50 -5.75
CA PRO A 308 -11.05 5.94 -5.92
C PRO A 308 -10.97 6.74 -4.63
N ARG A 309 -10.26 7.87 -4.72
CA ARG A 309 -10.30 8.93 -3.69
C ARG A 309 -11.03 10.13 -4.27
N ASN A 310 -12.08 10.56 -3.58
CA ASN A 310 -12.76 11.82 -3.91
C ASN A 310 -12.74 12.71 -2.68
N PHE A 311 -12.76 14.01 -2.91
CA PHE A 311 -12.33 14.94 -1.86
C PHE A 311 -12.86 16.36 -2.11
N ILE A 312 -12.95 17.12 -1.03
CA ILE A 312 -12.97 18.60 -1.05
C ILE A 312 -11.86 19.11 -0.13
N ASN A 313 -11.46 20.36 -0.35
CA ASN A 313 -10.48 21.07 0.49
C ASN A 313 -11.16 22.33 1.05
N ILE A 314 -11.26 22.44 2.36
CA ILE A 314 -11.73 23.72 2.94
C ILE A 314 -10.52 24.49 3.48
N LEU A 315 -10.65 25.80 3.40
CA LEU A 315 -9.65 26.77 3.90
C LEU A 315 -10.33 27.56 5.01
N PRO A 316 -10.10 27.16 6.29
CA PRO A 316 -10.68 27.85 7.42
C PRO A 316 -10.12 29.25 7.49
N PRO A 317 -10.92 30.20 7.98
CA PRO A 317 -10.46 31.59 8.09
C PRO A 317 -9.41 31.80 9.19
N ASN A 318 -9.34 30.92 10.18
CA ASN A 318 -8.28 30.89 11.23
C ASN A 318 -7.47 29.62 10.99
N PRO A 319 -6.15 29.64 11.24
CA PRO A 319 -5.31 28.46 11.08
C PRO A 319 -5.80 27.25 11.88
N ILE A 320 -5.70 26.04 11.28
CA ILE A 320 -5.88 24.76 12.01
C ILE A 320 -4.52 24.06 12.15
N GLU A 321 -4.38 23.27 13.20
CA GLU A 321 -3.16 22.48 13.48
C GLU A 321 -3.12 21.33 12.49
N ALA A 322 -2.00 21.13 11.82
CA ALA A 322 -1.80 19.97 10.93
C ALA A 322 -1.95 18.69 11.76
N SER A 323 -2.44 17.64 11.14
CA SER A 323 -2.62 16.34 11.82
C SER A 323 -2.29 15.19 10.88
N VAL A 324 -1.91 14.07 11.46
CA VAL A 324 -1.91 12.76 10.77
C VAL A 324 -3.28 12.15 10.92
N VAL A 325 -3.72 11.43 9.90
CA VAL A 325 -5.06 10.81 9.94
C VAL A 325 -5.11 9.69 10.96
N THR A 326 -6.10 9.75 11.88
CA THR A 326 -6.31 8.76 12.95
C THR A 326 -7.80 8.43 13.14
N VAL A 327 -8.69 9.29 12.66
CA VAL A 327 -10.13 9.14 12.93
C VAL A 327 -10.85 8.79 11.62
N LEU A 328 -11.56 7.67 11.62
CA LEU A 328 -12.17 7.09 10.44
C LEU A 328 -13.69 7.06 10.62
N GLY A 329 -14.38 7.40 9.55
CA GLY A 329 -15.84 7.26 9.42
C GLY A 329 -16.12 6.16 8.42
N ILE A 330 -16.63 5.02 8.91
CA ILE A 330 -16.79 3.79 8.09
C ILE A 330 -18.30 3.46 7.94
N ARG A 331 -18.70 3.29 6.68
CA ARG A 331 -19.95 2.64 6.24
C ARG A 331 -19.54 1.56 5.26
N SER A 332 -20.43 0.63 4.97
CA SER A 332 -20.13 -0.42 3.95
C SER A 332 -19.83 0.15 2.59
N ASP A 333 -20.41 1.31 2.26
CA ASP A 333 -20.34 1.86 0.89
C ASP A 333 -19.39 3.05 0.78
N TYR A 334 -18.71 3.46 1.85
CA TYR A 334 -17.71 4.55 1.80
C TYR A 334 -16.95 4.63 3.11
N TYR A 335 -15.67 4.99 2.99
CA TYR A 335 -14.72 5.07 4.11
C TYR A 335 -14.16 6.48 4.09
N GLN A 336 -14.31 7.25 5.16
CA GLN A 336 -14.03 8.71 5.10
C GLN A 336 -13.01 9.08 6.17
N VAL A 337 -12.17 10.06 5.86
CA VAL A 337 -11.16 10.59 6.79
C VAL A 337 -10.94 12.04 6.41
N SER A 338 -10.14 12.74 7.20
CA SER A 338 -9.66 14.08 6.80
C SER A 338 -8.27 14.31 7.36
N ALA A 339 -7.38 14.90 6.56
CA ALA A 339 -6.08 15.41 7.06
C ALA A 339 -6.16 16.93 7.12
N SER A 340 -5.55 17.51 8.13
CA SER A 340 -5.28 18.98 8.17
C SER A 340 -3.82 19.18 7.73
N VAL A 341 -3.62 20.01 6.72
CA VAL A 341 -2.39 20.11 5.89
C VAL A 341 -1.85 21.52 5.91
N LEU A 342 -0.54 21.67 6.12
CA LEU A 342 0.16 22.98 6.02
C LEU A 342 0.20 23.40 4.54
N PRO A 343 0.22 24.72 4.26
CA PRO A 343 0.38 25.19 2.88
C PRO A 343 1.75 24.79 2.33
N PHE A 344 1.91 24.80 1.01
CA PHE A 344 3.18 24.42 0.32
C PHE A 344 3.17 25.13 -1.01
N SER A 345 4.34 25.35 -1.61
CA SER A 345 4.46 25.95 -2.96
C SER A 345 5.04 24.91 -3.92
N THR A 346 5.54 23.78 -3.42
CA THR A 346 5.90 22.63 -4.28
C THR A 346 4.77 21.60 -4.11
N PRO A 347 4.11 21.14 -5.18
CA PRO A 347 3.02 20.17 -5.02
C PRO A 347 3.53 18.82 -4.49
N LEU A 348 2.67 18.12 -3.74
CA LEU A 348 2.87 16.73 -3.30
C LEU A 348 2.39 15.89 -4.46
N PHE A 349 3.27 15.24 -5.21
CA PHE A 349 2.85 14.49 -6.41
C PHE A 349 1.81 13.44 -6.02
N SER A 350 0.70 13.42 -6.76
CA SER A 350 -0.46 12.48 -6.65
C SER A 350 -1.41 12.84 -5.50
N LEU A 351 -1.12 13.79 -4.62
CA LEU A 351 -2.15 14.31 -3.70
C LEU A 351 -3.37 14.72 -4.52
N PHE A 352 -3.14 15.55 -5.54
CA PHE A 352 -4.15 15.92 -6.56
C PHE A 352 -3.83 15.17 -7.83
N PRO A 353 -4.84 14.88 -8.65
CA PRO A 353 -4.67 13.87 -9.69
C PRO A 353 -3.71 14.30 -10.82
N THR A 354 -3.49 15.60 -10.98
CA THR A 354 -2.56 16.13 -12.00
C THR A 354 -1.74 17.25 -11.40
N THR A 355 -0.68 17.60 -12.13
CA THR A 355 0.22 18.72 -11.78
C THR A 355 -0.54 20.04 -11.98
N SER A 356 -1.66 20.06 -12.70
CA SER A 356 -2.39 21.34 -12.91
C SER A 356 -3.49 21.43 -11.84
N TYR A 357 -3.09 21.87 -10.64
CA TYR A 357 -4.01 22.00 -9.47
C TYR A 357 -3.51 23.16 -8.65
N PRO A 358 -4.40 24.02 -8.12
CA PRO A 358 -3.94 25.17 -7.36
C PRO A 358 -3.08 24.78 -6.16
N LEU A 359 -2.18 25.68 -5.79
CA LEU A 359 -1.37 25.58 -4.55
C LEU A 359 -2.13 26.25 -3.42
N PRO A 360 -2.13 25.68 -2.20
CA PRO A 360 -2.78 26.30 -1.06
C PRO A 360 -1.90 27.40 -0.45
N ASN A 361 -2.54 28.52 -0.12
CA ASN A 361 -1.87 29.69 0.49
C ASN A 361 -1.99 29.64 2.02
N SER A 362 -2.82 28.77 2.58
CA SER A 362 -3.03 28.68 4.06
C SER A 362 -3.34 27.23 4.41
N THR A 363 -3.42 26.92 5.69
CA THR A 363 -3.76 25.56 6.20
C THR A 363 -5.12 25.15 5.62
N PHE A 364 -5.26 23.90 5.25
CA PHE A 364 -6.53 23.42 4.65
C PHE A 364 -6.83 22.04 5.23
N ALA A 365 -8.11 21.69 5.22
CA ALA A 365 -8.56 20.33 5.56
C ALA A 365 -8.87 19.63 4.25
N HIS A 366 -8.14 18.55 3.99
CA HIS A 366 -8.42 17.63 2.88
C HIS A 366 -9.41 16.60 3.40
N ILE A 367 -10.64 16.64 2.89
CA ILE A 367 -11.77 15.84 3.44
C ILE A 367 -12.11 14.81 2.37
N VAL A 368 -12.03 13.53 2.70
CA VAL A 368 -11.88 12.47 1.67
C VAL A 368 -12.93 11.37 1.87
N SER A 369 -13.32 10.74 0.78
CA SER A 369 -14.13 9.51 0.75
C SER A 369 -13.49 8.51 -0.20
N GLN A 370 -13.53 7.24 0.20
CA GLN A 370 -12.93 6.11 -0.53
C GLN A 370 -14.07 5.17 -0.96
N VAL A 371 -14.09 4.81 -2.22
CA VAL A 371 -15.04 3.80 -2.77
C VAL A 371 -14.51 2.41 -2.43
N PRO A 372 -15.33 1.56 -1.79
CA PRO A 372 -14.96 0.19 -1.47
C PRO A 372 -14.94 -0.70 -2.71
N GLY A 373 -14.11 -1.73 -2.60
CA GLY A 373 -13.86 -2.70 -3.68
C GLY A 373 -12.53 -2.40 -4.36
N PRO A 374 -12.50 -1.64 -5.47
CA PRO A 374 -13.68 -1.19 -6.21
C PRO A 374 -14.06 -2.33 -7.15
N LEU A 375 -15.16 -2.20 -7.87
CA LEU A 375 -15.59 -3.21 -8.87
C LEU A 375 -14.91 -2.98 -10.22
N SER A 376 -14.55 -1.74 -10.54
CA SER A 376 -13.83 -1.38 -11.78
C SER A 376 -12.42 -1.97 -11.70
N HIS A 377 -11.92 -2.53 -12.76
CA HIS A 377 -10.53 -3.06 -12.75
C HIS A 377 -9.91 -2.78 -14.10
N GLY A 378 -8.58 -2.83 -14.12
CA GLY A 378 -7.80 -2.83 -15.36
C GLY A 378 -6.64 -3.79 -15.24
N SER A 379 -5.49 -3.36 -15.73
CA SER A 379 -4.39 -4.31 -15.95
C SER A 379 -3.03 -3.62 -15.84
N VAL A 380 -2.02 -4.44 -15.68
CA VAL A 380 -0.58 -4.09 -15.82
C VAL A 380 -0.05 -4.82 -17.04
N THR A 381 0.62 -4.11 -17.92
CA THR A 381 1.32 -4.67 -19.11
C THR A 381 2.76 -4.12 -19.13
N LEU A 382 3.66 -4.84 -19.79
CA LEU A 382 5.09 -4.45 -19.89
C LEU A 382 5.25 -3.25 -20.83
N ASN A 383 6.10 -2.33 -20.43
CA ASN A 383 6.51 -1.21 -21.29
C ASN A 383 7.76 -1.66 -22.03
N SER A 384 8.65 -2.36 -21.35
CA SER A 384 9.85 -3.04 -21.90
C SER A 384 9.72 -4.54 -21.67
N SER A 385 10.02 -5.37 -22.66
CA SER A 385 10.08 -6.86 -22.52
C SER A 385 11.35 -7.35 -21.85
N SER A 386 12.30 -6.48 -21.46
CA SER A 386 13.57 -6.95 -20.86
C SER A 386 13.94 -6.19 -19.60
N ASP A 387 13.64 -4.90 -19.45
CA ASP A 387 14.31 -4.07 -18.41
C ASP A 387 13.36 -3.81 -17.22
N VAL A 388 13.60 -4.40 -16.05
CA VAL A 388 12.64 -4.31 -14.91
C VAL A 388 12.63 -2.88 -14.38
N ARG A 389 13.66 -2.09 -14.65
CA ARG A 389 13.75 -0.69 -14.15
C ARG A 389 12.83 0.22 -14.94
N ILE A 390 12.30 -0.24 -16.06
CA ILE A 390 11.31 0.54 -16.85
C ILE A 390 9.93 0.20 -16.31
N ALA A 391 9.22 1.19 -15.79
CA ALA A 391 7.91 0.97 -15.14
C ALA A 391 6.96 0.33 -16.14
N PRO A 392 6.12 -0.61 -15.72
CA PRO A 392 5.10 -1.15 -16.60
C PRO A 392 3.98 -0.13 -16.81
N ASN A 393 3.14 -0.36 -17.81
CA ASN A 393 1.89 0.40 -18.05
C ASN A 393 0.87 -0.05 -17.03
N ILE A 394 0.07 0.86 -16.48
CA ILE A 394 -1.00 0.42 -15.55
C ILE A 394 -2.24 1.26 -15.86
N LYS A 395 -3.38 0.60 -15.86
CA LYS A 395 -4.66 1.27 -16.08
C LYS A 395 -5.66 0.68 -15.11
N PHE A 396 -6.47 1.53 -14.49
CA PHE A 396 -7.39 1.10 -13.42
C PHE A 396 -8.85 1.18 -13.87
N ASN A 397 -9.15 1.94 -14.93
CA ASN A 397 -10.53 2.09 -15.47
C ASN A 397 -11.49 2.66 -14.44
N TYR A 398 -11.09 3.72 -13.72
CA TYR A 398 -11.90 4.34 -12.66
C TYR A 398 -13.33 4.55 -13.17
N TYR A 399 -14.29 4.08 -12.42
CA TYR A 399 -15.75 4.36 -12.57
C TYR A 399 -16.26 3.71 -13.86
N SER A 400 -15.60 2.67 -14.36
CA SER A 400 -16.07 1.89 -15.54
C SER A 400 -17.27 1.06 -15.10
N ASN A 401 -17.28 0.67 -13.84
CA ASN A 401 -18.38 -0.04 -13.17
C ASN A 401 -19.29 0.99 -12.51
N SER A 402 -20.58 1.02 -12.88
CA SER A 402 -21.58 1.99 -12.35
C SER A 402 -21.82 1.83 -10.85
N THR A 403 -21.59 0.66 -10.23
CA THR A 403 -21.77 0.47 -8.77
C THR A 403 -20.78 1.41 -8.06
N ASP A 404 -19.56 1.48 -8.59
CA ASP A 404 -18.50 2.34 -8.01
C ASP A 404 -19.00 3.78 -8.06
N LEU A 405 -19.57 4.21 -9.17
CA LEU A 405 -20.01 5.61 -9.34
C LEU A 405 -21.14 5.85 -8.35
N ALA A 406 -22.10 4.93 -8.24
CA ALA A 406 -23.22 5.03 -7.27
C ALA A 406 -22.68 5.19 -5.83
N ASN A 407 -21.63 4.45 -5.48
CA ASN A 407 -21.07 4.50 -4.10
C ASN A 407 -20.36 5.86 -3.85
N CYS A 408 -19.65 6.39 -4.83
CA CYS A 408 -19.03 7.74 -4.77
C CYS A 408 -20.12 8.79 -4.55
N VAL A 409 -21.25 8.69 -5.24
CA VAL A 409 -22.37 9.64 -5.05
C VAL A 409 -22.81 9.64 -3.60
N SER A 410 -22.99 8.44 -3.02
CA SER A 410 -23.40 8.29 -1.61
C SER A 410 -22.36 8.95 -0.69
N GLY A 411 -21.08 8.62 -0.88
CA GLY A 411 -19.98 9.22 -0.10
C GLY A 411 -19.95 10.74 -0.21
N MET A 412 -20.10 11.29 -1.43
CA MET A 412 -20.04 12.76 -1.63
C MET A 412 -21.24 13.40 -0.90
N LYS A 413 -22.41 12.77 -0.92
CA LYS A 413 -23.59 13.25 -0.14
C LYS A 413 -23.26 13.27 1.34
N LYS A 414 -22.59 12.24 1.84
CA LYS A 414 -22.22 12.17 3.26
C LYS A 414 -21.19 13.24 3.58
N LEU A 415 -20.26 13.54 2.68
CA LEU A 415 -19.32 14.66 2.94
C LEU A 415 -20.11 15.98 2.98
N GLY A 416 -21.17 16.11 2.15
CA GLY A 416 -22.14 17.22 2.25
C GLY A 416 -22.70 17.35 3.65
N ASP A 417 -23.15 16.23 4.21
CA ASP A 417 -23.75 16.16 5.56
C ASP A 417 -22.68 16.55 6.58
N LEU A 418 -21.44 16.06 6.43
CA LEU A 418 -20.33 16.43 7.34
C LEU A 418 -20.11 17.95 7.30
N LEU A 419 -20.13 18.58 6.14
CA LEU A 419 -19.82 20.04 6.06
C LEU A 419 -20.97 20.84 6.74
N ARG A 420 -22.14 20.22 6.90
CA ARG A 420 -23.33 20.88 7.52
C ARG A 420 -23.40 20.70 9.05
N THR A 421 -22.50 19.96 9.67
CA THR A 421 -22.52 19.67 11.11
C THR A 421 -22.13 20.92 11.90
N LYS A 422 -22.60 21.01 13.14
CA LYS A 422 -22.10 21.99 14.13
C LYS A 422 -20.60 21.83 14.36
N ALA A 423 -20.05 20.62 14.28
CA ALA A 423 -18.60 20.38 14.45
C ALA A 423 -17.79 21.23 13.45
N LEU A 424 -18.22 21.30 12.20
CA LEU A 424 -17.45 21.98 11.11
C LEU A 424 -17.85 23.46 10.99
N GLU A 425 -18.95 23.86 11.62
CA GLU A 425 -19.49 25.22 11.38
C GLU A 425 -18.41 26.27 11.73
N PRO A 426 -17.60 26.14 12.79
CA PRO A 426 -16.59 27.13 13.12
C PRO A 426 -15.49 27.34 12.07
N TYR A 427 -15.41 26.48 11.06
CA TYR A 427 -14.32 26.49 10.04
C TYR A 427 -14.82 27.18 8.77
N LYS A 428 -16.05 27.71 8.81
CA LYS A 428 -16.60 28.49 7.68
C LYS A 428 -15.97 29.89 7.65
N ALA A 429 -15.83 30.43 6.47
CA ALA A 429 -15.38 31.81 6.21
C ALA A 429 -16.56 32.76 6.47
N ARG A 430 -17.80 32.33 6.16
CA ARG A 430 -19.02 33.20 6.24
C ARG A 430 -20.11 32.46 7.03
N ASP A 431 -20.72 33.11 8.00
CA ASP A 431 -21.72 32.52 8.92
C ASP A 431 -23.07 32.52 8.17
N VAL A 432 -23.10 31.94 6.99
CA VAL A 432 -24.33 31.75 6.17
C VAL A 432 -24.87 30.34 6.41
N LEU A 433 -26.08 30.06 5.96
CA LEU A 433 -26.76 28.80 6.33
C LEU A 433 -26.13 27.62 5.58
N GLY A 434 -25.63 27.85 4.37
CA GLY A 434 -25.23 26.76 3.44
C GLY A 434 -23.74 26.47 3.46
N ILE A 435 -23.32 25.39 2.80
CA ILE A 435 -21.87 25.01 2.79
C ILE A 435 -21.12 25.95 1.83
N ASP A 436 -21.77 26.82 1.07
CA ASP A 436 -21.04 27.90 0.34
C ASP A 436 -20.43 28.90 1.35
N GLY A 437 -20.67 28.77 2.65
CA GLY A 437 -19.99 29.54 3.71
C GLY A 437 -18.52 29.15 3.89
N PHE A 438 -18.14 27.95 3.44
CA PHE A 438 -16.72 27.54 3.37
C PHE A 438 -16.07 28.20 2.16
N ASN A 439 -14.76 28.43 2.31
CA ASN A 439 -13.83 28.71 1.22
C ASN A 439 -13.15 27.37 0.86
N TYR A 440 -13.11 27.07 -0.44
CA TYR A 440 -12.59 25.80 -1.05
C TYR A 440 -11.31 26.09 -1.82
N LEU A 441 -10.39 25.15 -1.69
CA LEU A 441 -9.28 24.98 -2.66
C LEU A 441 -9.74 23.94 -3.67
N GLY A 442 -9.78 24.30 -4.95
CA GLY A 442 -10.24 23.44 -6.05
C GLY A 442 -11.76 23.38 -6.10
N VAL A 443 -12.30 22.24 -6.51
CA VAL A 443 -13.71 22.14 -6.92
C VAL A 443 -14.54 21.89 -5.66
N PRO A 444 -15.51 22.77 -5.32
CA PRO A 444 -16.43 22.51 -4.22
C PRO A 444 -17.45 21.42 -4.55
N LEU A 445 -18.11 20.85 -3.53
CA LEU A 445 -19.23 19.90 -3.77
C LEU A 445 -20.31 20.66 -4.47
N PRO A 446 -21.07 20.00 -5.35
CA PRO A 446 -22.30 20.58 -5.91
C PRO A 446 -23.44 20.69 -4.88
N ASP A 452 -28.58 13.85 -8.61
CA ASP A 452 -27.53 12.79 -8.58
C ASP A 452 -26.48 13.07 -9.68
N ALA A 453 -26.94 13.51 -10.87
CA ALA A 453 -26.11 13.80 -12.06
C ALA A 453 -24.96 14.79 -11.79
N SER A 454 -25.13 15.78 -10.93
CA SER A 454 -24.06 16.77 -10.62
C SER A 454 -23.00 16.07 -9.74
N PHE A 455 -23.45 15.17 -8.86
CA PHE A 455 -22.56 14.34 -7.98
C PHE A 455 -21.81 13.32 -8.83
N GLU A 456 -22.45 12.78 -9.87
CA GLU A 456 -21.78 11.86 -10.82
C GLU A 456 -20.64 12.59 -11.54
N THR A 457 -20.91 13.77 -12.10
CA THR A 457 -19.91 14.58 -12.83
C THR A 457 -18.75 14.90 -11.88
N PHE A 458 -19.07 15.28 -10.66
CA PHE A 458 -18.06 15.67 -9.64
C PHE A 458 -17.18 14.43 -9.37
N CYS A 459 -17.80 13.28 -9.14
CA CYS A 459 -17.05 12.00 -8.91
C CYS A 459 -16.11 11.70 -10.09
N LEU A 460 -16.61 11.72 -11.34
CA LEU A 460 -15.85 11.32 -12.54
C LEU A 460 -14.71 12.30 -12.77
N ASP A 461 -14.98 13.58 -12.56
CA ASP A 461 -14.04 14.66 -13.01
C ASP A 461 -12.93 14.92 -11.99
N ASN A 462 -13.14 14.62 -10.71
CA ASN A 462 -12.20 15.07 -9.66
C ASN A 462 -11.59 13.87 -8.93
N VAL A 463 -11.70 12.68 -9.51
CA VAL A 463 -11.17 11.43 -8.88
C VAL A 463 -9.63 11.47 -8.81
N ALA A 464 -9.11 11.00 -7.68
CA ALA A 464 -7.67 10.79 -7.43
C ALA A 464 -7.44 9.37 -6.94
N SER A 465 -6.17 8.97 -6.87
CA SER A 465 -5.84 7.65 -6.28
C SER A 465 -5.97 7.73 -4.77
N TYR A 466 -6.57 6.71 -4.16
CA TYR A 466 -6.45 6.52 -2.68
C TYR A 466 -5.08 5.90 -2.32
N TRP A 467 -4.32 5.42 -3.32
CA TRP A 467 -2.98 4.79 -3.18
C TRP A 467 -3.08 3.35 -2.67
N HIS A 468 -4.28 2.82 -2.55
CA HIS A 468 -4.49 1.48 -1.97
C HIS A 468 -4.76 0.47 -3.07
N TYR A 469 -4.05 0.60 -4.19
CA TYR A 469 -4.19 -0.28 -5.36
C TYR A 469 -3.74 -1.69 -4.98
N HIS A 470 -4.36 -2.64 -5.65
CA HIS A 470 -4.21 -4.06 -5.35
C HIS A 470 -4.57 -4.89 -6.57
N GLY A 471 -4.18 -6.16 -6.56
CA GLY A 471 -4.52 -7.07 -7.67
C GLY A 471 -3.39 -7.32 -8.63
N GLY A 472 -3.66 -8.12 -9.67
CA GLY A 472 -2.68 -8.44 -10.72
C GLY A 472 -2.15 -9.87 -10.60
N SER A 473 -2.23 -10.48 -9.40
CA SER A 473 -1.78 -11.87 -9.16
C SER A 473 -2.76 -12.55 -8.22
N LEU A 474 -4.03 -12.58 -8.57
CA LEU A 474 -5.09 -12.90 -7.59
C LEU A 474 -5.05 -14.37 -7.14
N VAL A 475 -5.32 -14.55 -5.85
CA VAL A 475 -5.81 -15.85 -5.33
C VAL A 475 -7.07 -16.20 -6.14
N GLY A 476 -7.12 -17.43 -6.67
CA GLY A 476 -8.22 -17.98 -7.46
C GLY A 476 -8.03 -17.75 -8.96
N LYS A 477 -7.00 -16.99 -9.37
CA LYS A 477 -6.72 -16.66 -10.79
C LYS A 477 -5.29 -17.08 -11.11
N VAL A 478 -4.31 -16.52 -10.39
CA VAL A 478 -2.86 -16.84 -10.56
C VAL A 478 -2.44 -17.79 -9.45
N LEU A 479 -3.04 -17.63 -8.27
CA LEU A 479 -2.57 -18.34 -7.06
C LEU A 479 -3.66 -19.27 -6.55
N ASP A 480 -3.21 -20.29 -5.84
CA ASP A 480 -4.10 -21.15 -5.02
C ASP A 480 -4.23 -20.50 -3.63
N ASP A 481 -4.98 -21.16 -2.76
CA ASP A 481 -5.34 -20.64 -1.40
C ASP A 481 -4.12 -20.68 -0.47
N SER A 482 -2.98 -21.27 -0.85
CA SER A 482 -1.68 -21.21 -0.11
C SER A 482 -0.71 -20.21 -0.76
N PHE A 483 -1.20 -19.37 -1.66
CA PHE A 483 -0.44 -18.29 -2.33
C PHE A 483 0.63 -18.86 -3.26
N ARG A 484 0.45 -20.11 -3.71
CA ARG A 484 1.37 -20.73 -4.69
C ARG A 484 0.91 -20.35 -6.09
N VAL A 485 1.88 -20.07 -6.97
CA VAL A 485 1.58 -19.82 -8.40
C VAL A 485 1.18 -21.17 -9.00
N MET A 486 -0.01 -21.23 -9.52
CA MET A 486 -0.59 -22.49 -10.05
C MET A 486 0.27 -23.00 -11.21
N GLY A 487 0.69 -24.26 -11.11
CA GLY A 487 1.50 -24.98 -12.13
C GLY A 487 2.97 -24.92 -11.86
N ILE A 488 3.41 -24.12 -10.90
CA ILE A 488 4.85 -23.98 -10.63
C ILE A 488 5.07 -24.43 -9.19
N LYS A 489 6.02 -25.31 -8.98
CA LYS A 489 6.52 -25.60 -7.62
C LYS A 489 7.47 -24.48 -7.15
N ALA A 490 7.60 -24.33 -5.83
CA ALA A 490 8.62 -23.52 -5.16
C ALA A 490 8.46 -22.03 -5.56
N LEU A 491 7.26 -21.59 -5.92
CA LEU A 491 6.99 -20.16 -6.25
C LEU A 491 5.69 -19.71 -5.59
N ARG A 492 5.78 -18.66 -4.78
CA ARG A 492 4.59 -18.03 -4.15
C ARG A 492 4.62 -16.53 -4.41
N VAL A 493 3.50 -15.91 -4.15
CA VAL A 493 3.34 -14.44 -4.19
C VAL A 493 2.62 -14.02 -2.94
N VAL A 494 3.20 -13.08 -2.22
CA VAL A 494 2.57 -12.52 -0.99
C VAL A 494 2.83 -11.01 -0.98
N ASP A 495 1.76 -10.24 -1.22
CA ASP A 495 1.75 -8.76 -1.22
C ASP A 495 0.34 -8.33 -1.63
N ALA A 496 0.14 -7.07 -1.98
CA ALA A 496 -1.20 -6.54 -2.31
C ALA A 496 -1.63 -6.96 -3.72
N SER A 497 -0.80 -7.70 -4.49
CA SER A 497 -1.26 -8.20 -5.82
C SER A 497 -2.30 -9.33 -5.68
N THR A 498 -2.55 -9.84 -4.46
CA THR A 498 -3.21 -11.15 -4.23
C THR A 498 -4.72 -11.09 -4.09
N PHE A 499 -5.32 -9.94 -3.77
CA PHE A 499 -6.77 -9.84 -3.48
C PHE A 499 -7.41 -8.80 -4.35
N PRO A 500 -8.65 -9.07 -4.81
CA PRO A 500 -9.37 -8.14 -5.69
C PRO A 500 -10.20 -7.05 -4.97
N TYR A 501 -10.38 -7.17 -3.68
CA TYR A 501 -11.14 -6.20 -2.87
C TYR A 501 -10.26 -5.83 -1.70
N GLU A 502 -10.49 -4.64 -1.18
CA GLU A 502 -9.73 -4.20 0.02
C GLU A 502 -10.09 -5.09 1.20
N PRO A 503 -9.16 -5.29 2.16
CA PRO A 503 -9.55 -5.96 3.39
C PRO A 503 -10.23 -5.00 4.39
N ASN A 504 -10.15 -3.68 4.12
CA ASN A 504 -10.55 -2.58 5.01
C ASN A 504 -10.24 -1.27 4.32
N SER A 505 -10.36 -0.14 5.04
CA SER A 505 -10.10 1.21 4.51
C SER A 505 -8.61 1.47 4.30
N HIS A 506 -7.77 0.80 5.08
CA HIS A 506 -6.33 1.08 5.21
C HIS A 506 -5.63 -0.27 5.35
N PRO A 507 -5.14 -0.82 4.23
CA PRO A 507 -4.71 -2.20 4.19
C PRO A 507 -3.30 -2.55 4.66
N GLN A 508 -2.46 -1.60 5.05
CA GLN A 508 -1.06 -1.94 5.44
C GLN A 508 -1.08 -2.97 6.58
N GLY A 509 -2.04 -2.84 7.52
CA GLY A 509 -2.15 -3.77 8.67
C GLY A 509 -2.37 -5.19 8.18
N PHE A 510 -3.26 -5.37 7.22
CA PHE A 510 -3.53 -6.72 6.66
C PHE A 510 -2.26 -7.25 5.95
N TYR A 511 -1.61 -6.43 5.14
CA TYR A 511 -0.45 -6.94 4.34
C TYR A 511 0.77 -7.19 5.24
N LEU A 512 0.99 -6.40 6.29
CA LEU A 512 2.06 -6.71 7.28
C LEU A 512 1.78 -8.08 7.93
N MET A 513 0.56 -8.29 8.45
CA MET A 513 0.11 -9.59 9.02
C MET A 513 0.33 -10.69 7.98
N LEU A 514 -0.07 -10.43 6.73
CA LEU A 514 -0.08 -11.50 5.70
C LEU A 514 1.35 -12.04 5.48
N GLY A 515 2.37 -11.17 5.47
CA GLY A 515 3.75 -11.63 5.22
C GLY A 515 4.16 -12.67 6.27
N ARG A 516 3.89 -12.37 7.54
CA ARG A 516 4.31 -13.30 8.61
C ARG A 516 3.43 -14.55 8.53
N TYR A 517 2.11 -14.37 8.37
CA TYR A 517 1.13 -15.45 8.39
C TYR A 517 1.53 -16.52 7.35
N VAL A 518 1.85 -16.07 6.14
CA VAL A 518 2.15 -17.02 5.03
C VAL A 518 3.52 -17.63 5.33
N GLY A 519 4.44 -16.84 5.84
CA GLY A 519 5.71 -17.34 6.39
C GLY A 519 5.49 -18.52 7.33
N LEU A 520 4.59 -18.35 8.30
CA LEU A 520 4.22 -19.45 9.23
C LEU A 520 3.56 -20.63 8.53
N GLN A 521 2.67 -20.42 7.54
CA GLN A 521 2.05 -21.53 6.78
C GLN A 521 3.16 -22.30 6.04
N ILE A 522 4.14 -21.60 5.47
CA ILE A 522 5.25 -22.27 4.72
C ILE A 522 6.05 -23.13 5.71
N LEU A 523 6.42 -22.59 6.87
CA LEU A 523 7.20 -23.34 7.88
C LEU A 523 6.38 -24.56 8.37
N GLN A 524 5.08 -24.39 8.60
CA GLN A 524 4.22 -25.52 9.01
C GLN A 524 4.16 -26.56 7.89
N GLU A 525 3.96 -26.12 6.64
CA GLU A 525 3.77 -27.03 5.48
C GLU A 525 5.00 -27.91 5.40
N ARG A 526 6.14 -27.31 5.73
CA ARG A 526 7.43 -27.97 5.55
C ARG A 526 7.79 -28.82 6.78
N SER A 527 7.26 -28.51 7.95
CA SER A 527 7.59 -29.21 9.21
C SER A 527 6.94 -30.60 9.21
C2 FQ3 B . 0.58 15.99 4.40
C3 FQ3 B . -0.69 15.33 3.89
C4 FQ3 B . -1.02 14.14 4.41
C5 FQ3 B . -2.22 13.43 3.91
C6 FQ3 B . -2.73 12.01 4.44
C8 FQ3 B . -4.55 12.24 2.95
C9 FQ3 B . -5.83 12.39 3.79
C10 FQ3 B . -4.98 11.43 1.77
C12 FQ3 B . -3.03 14.07 2.94
C13 FQ3 B . -2.70 15.41 2.42
C14 FQ3 B . -1.59 16.02 2.81
O1 FQ3 B . 0.89 17.07 4.00
O7 FQ3 B . -3.72 11.58 3.63
O11 FQ3 B . -4.24 13.40 2.46
PA FAD C . 5.32 -2.55 -1.13
O1A FAD C . 5.26 -2.24 0.35
O2A FAD C . 5.33 -1.42 -2.09
O5B FAD C . 6.53 -3.54 -1.34
C5B FAD C . 7.05 -3.94 -2.62
C4B FAD C . 8.56 -3.80 -2.60
O4B FAD C . 9.11 -4.46 -3.79
C3B FAD C . 9.07 -2.35 -2.63
O3B FAD C . 9.87 -2.09 -1.48
C2B FAD C . 9.75 -2.24 -4.00
O2B FAD C . 10.79 -1.28 -3.98
C1B FAD C . 10.21 -3.67 -4.23
N9A FAD C . 10.43 -4.08 -5.58
C8A FAD C . 9.50 -3.94 -6.66
N7A FAD C . 9.93 -4.56 -7.73
C5A FAD C . 11.15 -5.13 -7.35
C6A FAD C . 12.07 -5.89 -8.08
N6A FAD C . 11.88 -6.24 -9.35
N1A FAD C . 13.19 -6.31 -7.43
C2A FAD C . 13.36 -5.92 -6.16
N3A FAD C . 12.54 -5.22 -5.35
C4A FAD C . 11.46 -4.84 -6.05
N1 FAD C . -2.25 1.94 3.63
C2 FAD C . -2.57 2.02 4.96
O2 FAD C . -3.11 1.07 5.54
N3 FAD C . -2.51 3.20 5.63
C4 FAD C . -2.14 4.38 5.03
O4 FAD C . -2.00 5.39 5.73
C4X FAD C . -1.64 4.33 3.70
N5 FAD C . -1.19 5.44 3.13
C5X FAD C . -0.62 5.29 1.90
C6 FAD C . 0.01 6.41 1.31
C7 FAD C . 0.67 6.32 0.12
C7M FAD C . 1.38 7.53 -0.45
C8 FAD C . 0.72 5.06 -0.54
C8M FAD C . 1.47 4.91 -1.84
C9 FAD C . 0.02 3.99 -0.02
C9A FAD C . -0.62 4.05 1.21
N10 FAD C . -1.24 2.94 1.81
C10 FAD C . -1.74 3.03 3.06
C1' FAD C . -1.30 1.64 1.13
C2' FAD C . -0.35 0.61 1.70
O2' FAD C . 0.76 1.30 2.31
C3' FAD C . 0.04 -0.35 0.55
O3' FAD C . -1.14 -0.91 -0.13
C4' FAD C . 0.89 -1.55 0.99
O4' FAD C . 1.97 -1.01 1.76
C5' FAD C . 1.41 -2.34 -0.18
O5' FAD C . 2.29 -3.40 0.30
P FAD C . 3.10 -4.36 -0.73
O1P FAD C . 3.92 -5.27 0.11
O2P FAD C . 2.07 -4.94 -1.67
O3P FAD C . 4.03 -3.35 -1.52
C1 NAG D . 5.81 3.16 -22.40
C2 NAG D . 4.85 2.89 -23.57
C3 NAG D . 4.57 4.20 -24.30
C4 NAG D . 3.83 5.05 -23.27
C5 NAG D . 4.83 5.40 -22.15
C6 NAG D . 4.18 6.34 -21.14
C7 NAG D . 4.89 0.60 -24.53
C8 NAG D . 5.59 -0.32 -25.47
N2 NAG D . 5.38 1.84 -24.43
O3 NAG D . 3.84 3.93 -25.49
O4 NAG D . 3.26 6.26 -23.79
O5 NAG D . 5.27 4.18 -21.51
O6 NAG D . 4.53 5.96 -19.82
O7 NAG D . 3.93 0.21 -23.91
C1 NAG E . -9.38 14.13 22.60
C2 NAG E . -10.66 13.66 23.30
C3 NAG E . -11.86 14.49 22.86
C4 NAG E . -11.58 15.96 23.10
C5 NAG E . -10.31 16.37 22.36
C6 NAG E . -9.99 17.86 22.53
C7 NAG E . -10.74 11.29 23.99
C8 NAG E . -11.19 9.90 23.64
N2 NAG E . -10.93 12.24 23.07
O3 NAG E . -13.03 14.13 23.60
O4 NAG E . -12.70 16.74 22.66
O5 NAG E . -9.22 15.55 22.83
O6 NAG E . -10.09 18.54 21.26
O7 NAG E . -10.24 11.51 25.08
C1 NAG F . -9.79 -11.98 16.07
C2 NAG F . -10.92 -12.72 16.77
C3 NAG F . -12.25 -11.98 16.59
C4 NAG F . -12.14 -10.54 17.01
C5 NAG F . -10.94 -9.89 16.34
C6 NAG F . -10.76 -8.44 16.76
C7 NAG F . -10.73 -15.16 16.69
C8 NAG F . -10.87 -16.41 15.86
N2 NAG F . -11.15 -14.00 16.20
O3 NAG F . -13.24 -12.67 17.38
O4 NAG F . -13.40 -9.96 16.65
O5 NAG F . -9.72 -10.63 16.57
O6 NAG F . -9.89 -7.87 15.78
O7 NAG F . -10.15 -15.21 17.74
C1 NAG G . 26.60 0.11 -3.71
C2 NAG G . 26.16 1.45 -3.11
C3 NAG G . 26.22 2.56 -4.17
C4 NAG G . 27.58 2.73 -4.82
C5 NAG G . 28.06 1.34 -5.27
C6 NAG G . 29.51 1.39 -5.69
C7 NAG G . 24.47 1.18 -1.34
C8 NAG G . 23.02 0.99 -0.99
N2 NAG G . 24.79 1.29 -2.63
O3 NAG G . 25.76 3.80 -3.62
O4 NAG G . 27.47 3.51 -6.03
O5 NAG G . 27.89 0.30 -4.24
O6 NAG G . 29.84 0.10 -6.21
O7 NAG G . 25.29 1.19 -0.45
C1 NAG H . -17.11 -6.01 5.83
C2 NAG H . -17.98 -4.88 5.33
C3 NAG H . -19.37 -5.43 4.94
C4 NAG H . -19.33 -6.64 4.01
C5 NAG H . -18.26 -7.65 4.51
C6 NAG H . -18.19 -8.84 3.55
C7 NAG H . -17.70 -2.69 6.37
C8 NAG H . -18.11 -1.82 7.46
N2 NAG H . -18.17 -3.97 6.43
O3 NAG H . -20.08 -4.36 4.29
O4 NAG H . -20.64 -7.29 3.94
O5 NAG H . -16.99 -6.99 4.75
O6 NAG H . -17.32 -8.66 2.46
O7 NAG H . -17.02 -2.31 5.44
C1 NAG I . -19.79 -4.29 -11.97
C2 NAG I . -20.34 -4.70 -13.33
C3 NAG I . -21.22 -5.94 -13.29
C4 NAG I . -20.60 -7.03 -12.45
C5 NAG I . -19.95 -6.54 -11.16
C6 NAG I . -18.95 -7.60 -10.80
C7 NAG I . -20.91 -2.90 -14.90
C8 NAG I . -21.73 -1.63 -15.08
N2 NAG I . -21.17 -3.58 -13.78
O3 NAG I . -21.32 -6.50 -14.60
O4 NAG I . -21.64 -7.91 -12.08
O5 NAG I . -19.19 -5.35 -11.29
O6 NAG I . -18.60 -7.39 -9.44
O7 NAG I . -20.02 -3.26 -15.69
C1 NAG J . 9.06 -11.86 -32.85
C2 NAG J . 8.81 -10.51 -33.46
C3 NAG J . 8.35 -10.63 -34.92
C4 NAG J . 9.36 -11.48 -35.65
C5 NAG J . 9.68 -12.79 -34.90
C6 NAG J . 10.91 -13.48 -35.54
C7 NAG J . 8.29 -8.87 -31.78
C8 NAG J . 7.23 -8.00 -31.14
N2 NAG J . 7.87 -9.72 -32.67
O3 NAG J . 8.24 -9.33 -35.46
O4 NAG J . 8.81 -11.86 -36.93
O5 NAG J . 10.11 -12.52 -33.59
O6 NAG J . 10.89 -14.83 -35.10
O7 NAG J . 9.49 -8.73 -31.45
C1 PEG K . -10.61 -13.76 12.99
O1 PEG K . -9.30 -13.39 12.56
C2 PEG K . -11.66 -13.07 12.24
O2 PEG K . -12.93 -13.68 12.45
C3 PEG K . -13.43 -13.53 13.77
C4 PEG K . -14.36 -14.65 14.14
O4 PEG K . -15.18 -14.28 15.23
P PO4 L . 0.40 10.83 16.53
O1 PO4 L . -0.87 11.69 16.71
O2 PO4 L . 1.52 11.71 15.97
O3 PO4 L . 0.12 9.65 15.55
O4 PO4 L . 0.78 10.31 17.89
P PO4 M . 2.22 16.36 10.67
O1 PO4 M . 0.89 17.00 11.01
O2 PO4 M . 3.28 17.46 10.42
O3 PO4 M . 2.06 15.51 9.42
O4 PO4 M . 2.64 15.49 11.85
P PO4 N . -2.87 -1.29 -20.22
O1 PO4 N . -4.33 -0.90 -20.02
O2 PO4 N . -2.14 -0.21 -21.02
O3 PO4 N . -2.84 -2.61 -21.02
O4 PO4 N . -2.15 -1.50 -18.84
#